data_8BFM
#
_entry.id   8BFM
#
_cell.length_a   57.531
_cell.length_b   44.800
_cell.length_c   108.589
_cell.angle_alpha   90.000
_cell.angle_beta   104.260
_cell.angle_gamma   90.000
#
_symmetry.space_group_name_H-M   'I 1 2 1'
#
loop_
_entity.id
_entity.type
_entity.pdbx_description
1 polymer 'Calcium/calmodulin-dependent protein kinase type 1D'
2 non-polymer 'SULFATE ION'
3 non-polymer pyrazolo[5,1-a]phthalazin-6-amine
4 water water
#
_entity_poly.entity_id   1
_entity_poly.type   'polypeptide(L)'
_entity_poly.pdbx_seq_one_letter_code
;MARENGESSSSWKKQAEDIKKIFEFKETLGTGAFSEVVLAEEKATGKLFAVKCIPKKALKGKESSIENEIAVLRKIKHEN
IVALEDIYESPNHLYLVMQLVSGGELFDRIVEKGFYTEKDASTLIRQVLDAVYYLHRMGIVHRDLKPENLLYYSQDEESK
IMISDFGLSKMEGKGDVMSTACGTPGYVAPEVLAQKPYSKAVDCWSIGVIAYILLCGYPPFYDENDSKLFEQILKAEYEF
DSPYWDDISDSAKDFIRNLMEKDPNKRYTCEQAARHPWIAGDTALNKNIHESVSAQIRKNFAKSKWRQAFNATAVVRHMR
KLHLGSSLDSSNASVSSSLSLASQKDCLAPSTLCSFISSSSGVSGVGAERRPRPTTVTAVHSGSK
;
_entity_poly.pdbx_strand_id   A
#
# COMPACT_ATOMS: atom_id res chain seq x y z
N TRP A 12 11.77 -25.44 0.25
CA TRP A 12 11.23 -24.12 0.68
C TRP A 12 9.75 -23.97 0.35
N LYS A 13 9.25 -24.75 -0.62
CA LYS A 13 7.82 -24.90 -0.84
C LYS A 13 7.38 -26.21 -0.20
N LYS A 14 6.40 -26.14 0.69
CA LYS A 14 5.74 -27.32 1.21
C LYS A 14 4.79 -27.87 0.15
N GLN A 15 4.75 -29.18 -0.01
CA GLN A 15 3.88 -29.80 -1.00
C GLN A 15 2.62 -30.32 -0.30
N ALA A 16 1.46 -30.25 -0.98
CA ALA A 16 0.24 -30.80 -0.42
C ALA A 16 -0.62 -31.45 -1.51
N GLU A 17 -1.11 -32.67 -1.23
CA GLU A 17 -2.03 -33.43 -2.10
C GLU A 17 -3.40 -32.72 -2.18
N ASP A 18 -3.71 -31.98 -0.99
CA ASP A 18 -4.93 -31.22 -0.82
C ASP A 18 -4.74 -30.18 0.30
N ILE A 19 -4.88 -28.90 -0.06
CA ILE A 19 -4.64 -27.82 0.90
C ILE A 19 -5.59 -27.95 2.08
N LYS A 20 -6.76 -28.54 1.85
CA LYS A 20 -7.79 -28.60 2.87
C LYS A 20 -7.40 -29.56 4.01
N LYS A 21 -6.40 -30.45 3.77
CA LYS A 21 -5.82 -31.21 4.88
C LYS A 21 -5.03 -30.33 5.86
N ILE A 22 -4.71 -29.07 5.51
CA ILE A 22 -3.86 -28.24 6.36
C ILE A 22 -4.62 -27.05 6.96
N PHE A 23 -5.53 -26.48 6.17
CA PHE A 23 -6.26 -25.29 6.57
C PHE A 23 -7.77 -25.50 6.50
N GLU A 24 -8.47 -24.96 7.50
CA GLU A 24 -9.89 -24.71 7.39
C GLU A 24 -10.08 -23.29 6.86
N PHE A 25 -10.66 -23.17 5.66
CA PHE A 25 -10.89 -21.86 5.08
C PHE A 25 -12.15 -21.26 5.69
N LYS A 26 -12.15 -19.94 5.83
CA LYS A 26 -13.27 -19.23 6.43
C LYS A 26 -13.68 -18.12 5.45
N GLU A 27 -13.87 -16.91 5.96
CA GLU A 27 -14.36 -15.78 5.18
C GLU A 27 -13.31 -15.36 4.13
N THR A 28 -13.79 -14.89 2.98
CA THR A 28 -12.94 -14.28 1.96
C THR A 28 -12.55 -12.86 2.35
N LEU A 29 -11.25 -12.59 2.40
CA LEU A 29 -10.74 -11.30 2.86
C LEU A 29 -10.57 -10.37 1.67
N GLY A 30 -10.27 -10.92 0.49
CA GLY A 30 -10.04 -10.14 -0.70
C GLY A 30 -10.14 -11.01 -1.96
N THR A 31 -10.46 -10.38 -3.09
CA THR A 31 -10.39 -11.04 -4.39
C THR A 31 -9.63 -10.12 -5.36
N GLY A 32 -8.92 -10.74 -6.29
CA GLY A 32 -8.02 -10.05 -7.21
C GLY A 32 -8.19 -10.56 -8.64
N ALA A 33 -7.26 -10.16 -9.52
CA ALA A 33 -7.34 -10.50 -10.92
C ALA A 33 -7.65 -11.99 -11.08
N PHE A 34 -6.75 -12.86 -10.61
CA PHE A 34 -6.98 -14.29 -10.75
C PHE A 34 -6.50 -15.04 -9.51
N SER A 35 -6.71 -14.44 -8.33
CA SER A 35 -6.42 -15.05 -7.05
C SER A 35 -7.46 -14.57 -6.03
N GLU A 36 -7.61 -15.32 -4.92
CA GLU A 36 -8.38 -14.85 -3.78
C GLU A 36 -7.52 -14.94 -2.54
N VAL A 37 -7.78 -14.04 -1.57
CA VAL A 37 -7.17 -14.12 -0.26
C VAL A 37 -8.25 -14.52 0.73
N VAL A 38 -8.03 -15.63 1.46
CA VAL A 38 -9.03 -16.16 2.37
C VAL A 38 -8.45 -16.26 3.79
N LEU A 39 -9.28 -16.01 4.81
CA LEU A 39 -8.90 -16.27 6.20
C LEU A 39 -8.89 -17.78 6.40
N ALA A 40 -7.96 -18.27 7.22
CA ALA A 40 -7.69 -19.70 7.32
C ALA A 40 -7.13 -20.05 8.70
N GLU A 41 -7.67 -21.12 9.29
CA GLU A 41 -7.13 -21.68 10.52
C GLU A 41 -6.25 -22.88 10.18
N GLU A 42 -4.99 -22.85 10.62
CA GLU A 42 -4.12 -24.00 10.53
C GLU A 42 -4.63 -25.10 11.46
N LYS A 43 -5.07 -26.23 10.89
CA LYS A 43 -5.77 -27.27 11.64
C LYS A 43 -4.89 -27.87 12.73
N ALA A 44 -3.58 -27.94 12.47
CA ALA A 44 -2.66 -28.58 13.39
C ALA A 44 -2.38 -27.70 14.61
N THR A 45 -2.60 -26.38 14.49
CA THR A 45 -2.14 -25.44 15.51
C THR A 45 -3.23 -24.47 15.98
N GLY A 46 -4.29 -24.27 15.18
CA GLY A 46 -5.31 -23.28 15.52
C GLY A 46 -5.03 -21.91 14.91
N LYS A 47 -3.74 -21.54 14.81
CA LYS A 47 -3.28 -20.21 14.42
C LYS A 47 -4.01 -19.71 13.17
N LEU A 48 -4.41 -18.42 13.16
CA LEU A 48 -5.08 -17.84 12.01
C LEU A 48 -4.05 -17.24 11.06
N PHE A 49 -4.33 -17.34 9.76
CA PHE A 49 -3.50 -16.73 8.72
C PHE A 49 -4.38 -16.15 7.61
N ALA A 50 -3.79 -15.31 6.76
CA ALA A 50 -4.40 -14.89 5.50
C ALA A 50 -3.71 -15.67 4.39
N VAL A 51 -4.49 -16.39 3.58
CA VAL A 51 -3.90 -17.26 2.57
C VAL A 51 -4.32 -16.79 1.19
N LYS A 52 -3.33 -16.42 0.38
CA LYS A 52 -3.57 -16.10 -1.01
C LYS A 52 -3.52 -17.36 -1.86
N CYS A 53 -4.58 -17.60 -2.65
CA CYS A 53 -4.72 -18.80 -3.46
C CYS A 53 -4.61 -18.44 -4.94
N ILE A 54 -3.65 -19.09 -5.64
CA ILE A 54 -3.24 -18.72 -6.98
C ILE A 54 -3.20 -19.95 -7.88
N PRO A 55 -4.06 -20.05 -8.91
CA PRO A 55 -3.93 -21.12 -9.89
C PRO A 55 -2.63 -20.95 -10.70
N LYS A 56 -1.91 -22.07 -10.87
CA LYS A 56 -0.62 -22.07 -11.56
C LYS A 56 -0.77 -21.64 -13.01
N LYS A 57 -1.84 -22.07 -13.67
CA LYS A 57 -2.04 -21.79 -15.09
C LYS A 57 -2.17 -20.28 -15.34
N ALA A 58 -2.56 -19.49 -14.32
CA ALA A 58 -2.61 -18.05 -14.44
C ALA A 58 -1.21 -17.44 -14.58
N LEU A 59 -0.18 -18.17 -14.13
CA LEU A 59 1.19 -17.67 -14.16
C LEU A 59 1.98 -18.24 -15.33
N LYS A 60 1.30 -18.92 -16.28
CA LYS A 60 1.95 -19.57 -17.41
C LYS A 60 2.96 -18.60 -18.04
N GLY A 61 4.13 -19.15 -18.41
CA GLY A 61 5.25 -18.36 -18.86
C GLY A 61 6.12 -17.90 -17.68
N LYS A 62 5.84 -16.69 -17.18
CA LYS A 62 6.58 -16.07 -16.08
C LYS A 62 6.24 -16.75 -14.75
N GLU A 63 6.26 -18.09 -14.74
CA GLU A 63 5.96 -18.86 -13.54
C GLU A 63 7.19 -18.86 -12.64
N SER A 64 8.36 -19.15 -13.23
CA SER A 64 9.63 -19.16 -12.51
C SER A 64 9.92 -17.79 -11.92
N SER A 65 9.80 -16.75 -12.76
CA SER A 65 10.08 -15.37 -12.39
C SER A 65 9.26 -14.95 -11.17
N ILE A 66 7.97 -15.31 -11.16
CA ILE A 66 7.07 -14.96 -10.07
C ILE A 66 7.31 -15.89 -8.88
N GLU A 67 7.87 -17.08 -9.15
CA GLU A 67 8.29 -17.98 -8.08
C GLU A 67 9.70 -17.63 -7.60
N ASN A 68 10.27 -16.54 -8.12
CA ASN A 68 11.58 -16.07 -7.67
C ASN A 68 11.38 -14.84 -6.80
N GLU A 69 10.46 -13.94 -7.19
CA GLU A 69 9.98 -12.95 -6.25
C GLU A 69 9.63 -13.67 -4.94
N ILE A 70 8.91 -14.79 -5.04
CA ILE A 70 8.44 -15.49 -3.85
C ILE A 70 9.60 -16.23 -3.18
N ALA A 71 10.47 -16.88 -3.95
CA ALA A 71 11.54 -17.67 -3.36
C ALA A 71 12.46 -16.77 -2.53
N VAL A 72 12.74 -15.56 -3.03
CA VAL A 72 13.60 -14.62 -2.32
C VAL A 72 12.85 -14.02 -1.14
N LEU A 73 11.59 -13.58 -1.36
CA LEU A 73 10.87 -12.81 -0.34
C LEU A 73 10.52 -13.68 0.86
N ARG A 74 10.46 -15.01 0.66
CA ARG A 74 10.12 -15.92 1.75
C ARG A 74 11.12 -15.75 2.90
N LYS A 75 12.34 -15.32 2.59
CA LYS A 75 13.43 -15.35 3.55
C LYS A 75 13.55 -14.02 4.25
N ILE A 76 12.70 -13.05 3.88
CA ILE A 76 12.93 -11.68 4.32
C ILE A 76 11.64 -11.14 4.93
N LYS A 77 11.76 -10.60 6.15
CA LYS A 77 10.64 -9.95 6.82
C LYS A 77 10.95 -8.45 6.91
N HIS A 78 10.09 -7.66 6.30
CA HIS A 78 10.15 -6.21 6.37
C HIS A 78 9.08 -5.76 7.36
N GLU A 79 9.46 -4.87 8.29
CA GLU A 79 8.52 -4.32 9.26
C GLU A 79 7.18 -3.85 8.65
N ASN A 80 7.19 -3.31 7.43
CA ASN A 80 6.02 -2.65 6.86
C ASN A 80 5.45 -3.43 5.69
N ILE A 81 5.76 -4.73 5.61
CA ILE A 81 5.12 -5.60 4.60
C ILE A 81 4.66 -6.89 5.27
N VAL A 82 3.44 -7.34 4.99
CA VAL A 82 2.99 -8.59 5.60
C VAL A 82 3.96 -9.71 5.21
N ALA A 83 4.34 -10.51 6.19
CA ALA A 83 5.35 -11.53 5.99
C ALA A 83 4.72 -12.77 5.36
N LEU A 84 5.53 -13.43 4.53
CA LEU A 84 5.20 -14.70 3.93
C LEU A 84 5.72 -15.78 4.87
N GLU A 85 4.79 -16.44 5.58
CA GLU A 85 5.12 -17.44 6.58
C GLU A 85 5.43 -18.78 5.93
N ASP A 86 4.74 -19.10 4.84
CA ASP A 86 4.93 -20.40 4.22
C ASP A 86 4.36 -20.31 2.82
N ILE A 87 4.87 -21.16 1.92
CA ILE A 87 4.28 -21.36 0.60
C ILE A 87 3.95 -22.84 0.45
N TYR A 88 2.69 -23.13 0.12
CA TYR A 88 2.32 -24.50 -0.23
C TYR A 88 2.07 -24.58 -1.74
N GLU A 89 2.46 -25.72 -2.31
CA GLU A 89 2.21 -26.08 -3.70
C GLU A 89 1.38 -27.35 -3.77
N SER A 90 0.26 -27.30 -4.49
CA SER A 90 -0.48 -28.48 -4.92
C SER A 90 -0.25 -28.70 -6.42
N PRO A 91 -0.88 -29.72 -7.06
CA PRO A 91 -0.66 -29.97 -8.48
C PRO A 91 -0.92 -28.74 -9.36
N ASN A 92 -1.86 -27.87 -8.96
CA ASN A 92 -2.27 -26.78 -9.83
C ASN A 92 -2.44 -25.43 -9.14
N HIS A 93 -1.96 -25.27 -7.89
CA HIS A 93 -2.05 -23.99 -7.19
C HIS A 93 -0.84 -23.76 -6.30
N LEU A 94 -0.58 -22.47 -6.06
CA LEU A 94 0.29 -21.99 -5.00
C LEU A 94 -0.57 -21.31 -3.94
N TYR A 95 -0.15 -21.46 -2.69
CA TYR A 95 -0.84 -20.84 -1.57
C TYR A 95 0.22 -20.06 -0.80
N LEU A 96 0.05 -18.75 -0.73
CA LEU A 96 0.93 -17.90 0.06
C LEU A 96 0.28 -17.67 1.42
N VAL A 97 0.95 -18.14 2.47
CA VAL A 97 0.40 -18.13 3.81
C VAL A 97 1.00 -16.91 4.50
N MET A 98 0.13 -15.96 4.84
CA MET A 98 0.61 -14.66 5.32
C MET A 98 0.18 -14.41 6.76
N GLN A 99 1.00 -13.58 7.40
CA GLN A 99 0.73 -13.10 8.75
C GLN A 99 -0.56 -12.29 8.68
N LEU A 100 -1.57 -12.69 9.44
CA LEU A 100 -2.82 -11.95 9.48
C LEU A 100 -2.69 -10.74 10.41
N VAL A 101 -3.05 -9.57 9.90
CA VAL A 101 -3.07 -8.36 10.69
C VAL A 101 -4.43 -8.19 11.36
N SER A 102 -4.48 -7.27 12.34
CA SER A 102 -5.65 -7.14 13.17
C SER A 102 -6.04 -5.67 13.37
N GLY A 103 -5.43 -4.75 12.62
CA GLY A 103 -5.59 -3.34 12.88
C GLY A 103 -6.61 -2.62 11.98
N GLY A 104 -7.08 -3.29 10.92
CA GLY A 104 -8.11 -2.71 10.06
C GLY A 104 -7.55 -1.80 8.96
N GLU A 105 -8.48 -1.17 8.25
CA GLU A 105 -8.20 -0.46 7.02
C GLU A 105 -7.77 0.97 7.35
N LEU A 106 -7.09 1.59 6.39
CA LEU A 106 -6.39 2.87 6.57
C LEU A 106 -7.42 3.98 6.82
N PHE A 107 -8.40 4.14 5.93
CA PHE A 107 -9.35 5.24 6.06
C PHE A 107 -10.27 5.05 7.28
N ASP A 108 -10.74 3.82 7.50
CA ASP A 108 -11.58 3.52 8.64
C ASP A 108 -10.89 4.04 9.89
N ARG A 109 -9.59 3.75 10.01
CA ARG A 109 -8.82 4.15 11.16
C ARG A 109 -8.82 5.68 11.32
N ILE A 110 -8.60 6.39 10.22
CA ILE A 110 -8.49 7.85 10.25
C ILE A 110 -9.85 8.46 10.60
N VAL A 111 -10.93 7.90 10.05
CA VAL A 111 -12.26 8.42 10.33
C VAL A 111 -12.54 8.23 11.82
N GLU A 112 -12.15 7.08 12.36
CA GLU A 112 -12.42 6.72 13.75
C GLU A 112 -11.58 7.50 14.75
N LYS A 113 -10.41 8.02 14.35
CA LYS A 113 -9.59 8.82 15.27
C LYS A 113 -10.37 10.05 15.74
N GLY A 114 -10.03 10.57 16.93
CA GLY A 114 -10.55 11.84 17.39
C GLY A 114 -9.61 12.99 17.05
N PHE A 115 -8.38 12.63 16.71
CA PHE A 115 -7.28 13.56 16.54
C PHE A 115 -6.35 13.01 15.47
N TYR A 116 -5.97 13.86 14.51
CA TYR A 116 -5.19 13.48 13.34
C TYR A 116 -4.43 14.68 12.81
N THR A 117 -3.10 14.53 12.68
CA THR A 117 -2.25 15.65 12.29
C THR A 117 -1.42 15.30 11.06
N GLU A 118 -0.76 16.32 10.51
CA GLU A 118 0.25 16.08 9.47
C GLU A 118 1.34 15.12 9.93
N LYS A 119 1.76 15.21 11.20
CA LYS A 119 2.75 14.29 11.73
C LYS A 119 2.27 12.84 11.57
N ASP A 120 0.97 12.59 11.76
CA ASP A 120 0.42 11.24 11.62
C ASP A 120 0.50 10.78 10.17
N ALA A 121 0.12 11.68 9.25
CA ALA A 121 0.23 11.42 7.81
C ALA A 121 1.69 11.16 7.42
N SER A 122 2.60 11.98 7.93
CA SER A 122 4.01 11.84 7.62
C SER A 122 4.54 10.48 8.07
N THR A 123 4.17 10.07 9.29
CA THR A 123 4.58 8.77 9.82
C THR A 123 4.10 7.62 8.93
N LEU A 124 2.87 7.71 8.45
CA LEU A 124 2.32 6.69 7.56
C LEU A 124 3.11 6.66 6.26
N ILE A 125 3.34 7.83 5.66
CA ILE A 125 4.07 7.86 4.40
C ILE A 125 5.50 7.35 4.59
N ARG A 126 6.16 7.69 5.70
CA ARG A 126 7.52 7.23 5.99
C ARG A 126 7.59 5.72 5.91
N GLN A 127 6.60 5.08 6.54
CA GLN A 127 6.57 3.62 6.56
C GLN A 127 6.38 3.07 5.15
N VAL A 128 5.45 3.66 4.37
CA VAL A 128 5.20 3.19 3.00
C VAL A 128 6.46 3.38 2.17
N LEU A 129 7.14 4.54 2.29
CA LEU A 129 8.41 4.77 1.63
C LEU A 129 9.43 3.69 1.96
N ASP A 130 9.54 3.28 3.23
CA ASP A 130 10.50 2.27 3.64
C ASP A 130 10.20 0.96 2.92
N ALA A 131 8.92 0.58 2.89
CA ALA A 131 8.52 -0.71 2.32
C ALA A 131 8.84 -0.71 0.83
N VAL A 132 8.49 0.39 0.16
CA VAL A 132 8.59 0.47 -1.29
C VAL A 132 10.06 0.59 -1.69
N TYR A 133 10.86 1.29 -0.90
CA TYR A 133 12.29 1.34 -1.14
C TYR A 133 12.85 -0.08 -1.19
N TYR A 134 12.47 -0.87 -0.18
CA TYR A 134 12.94 -2.26 -0.11
C TYR A 134 12.50 -3.02 -1.37
N LEU A 135 11.22 -2.91 -1.75
CA LEU A 135 10.70 -3.64 -2.89
C LEU A 135 11.48 -3.23 -4.14
N HIS A 136 11.73 -1.91 -4.28
CA HIS A 136 12.49 -1.42 -5.43
C HIS A 136 13.89 -2.03 -5.47
N ARG A 137 14.56 -2.04 -4.32
CA ARG A 137 15.90 -2.59 -4.21
C ARG A 137 15.89 -4.04 -4.68
N MET A 138 14.79 -4.77 -4.41
CA MET A 138 14.70 -6.17 -4.78
C MET A 138 14.30 -6.34 -6.25
N GLY A 139 14.07 -5.22 -6.96
CA GLY A 139 13.65 -5.26 -8.34
C GLY A 139 12.15 -5.45 -8.53
N ILE A 140 11.35 -5.12 -7.50
CA ILE A 140 9.90 -5.24 -7.59
C ILE A 140 9.33 -3.84 -7.73
N VAL A 141 8.52 -3.66 -8.76
CA VAL A 141 7.70 -2.48 -8.95
C VAL A 141 6.29 -2.89 -8.54
N HIS A 142 5.73 -2.21 -7.52
CA HIS A 142 4.49 -2.65 -6.92
C HIS A 142 3.37 -2.42 -7.93
N ARG A 143 3.31 -1.18 -8.45
CA ARG A 143 2.43 -0.75 -9.52
C ARG A 143 0.99 -0.61 -9.05
N ASP A 144 0.68 -0.94 -7.80
CA ASP A 144 -0.71 -0.93 -7.36
C ASP A 144 -0.81 -0.36 -5.94
N LEU A 145 -0.02 0.67 -5.61
CA LEU A 145 -0.08 1.23 -4.27
C LEU A 145 -1.28 2.18 -4.24
N LYS A 146 -2.14 1.92 -3.25
CA LYS A 146 -3.38 2.61 -3.02
C LYS A 146 -3.80 2.24 -1.60
N PRO A 147 -4.66 3.04 -0.95
CA PRO A 147 -5.11 2.74 0.41
C PRO A 147 -5.62 1.32 0.69
N GLU A 148 -6.30 0.70 -0.29
CA GLU A 148 -6.87 -0.63 -0.12
C GLU A 148 -5.77 -1.65 0.21
N ASN A 149 -4.53 -1.35 -0.22
CA ASN A 149 -3.47 -2.33 -0.10
C ASN A 149 -2.61 -2.03 1.13
N LEU A 150 -3.07 -1.12 2.01
CA LEU A 150 -2.39 -0.74 3.26
C LEU A 150 -3.29 -1.05 4.45
N LEU A 151 -2.80 -1.90 5.37
CA LEU A 151 -3.55 -2.29 6.56
C LEU A 151 -2.72 -1.99 7.80
N TYR A 152 -3.41 -1.67 8.90
CA TYR A 152 -2.71 -1.54 10.19
C TYR A 152 -2.41 -2.93 10.73
N TYR A 153 -1.23 -3.05 11.32
CA TYR A 153 -0.78 -4.27 11.98
C TYR A 153 -1.68 -4.69 13.16
N SER A 154 -2.09 -3.75 14.02
CA SER A 154 -2.85 -4.06 15.22
C SER A 154 -3.80 -2.92 15.57
N GLN A 155 -4.61 -3.16 16.60
CA GLN A 155 -5.45 -2.11 17.14
C GLN A 155 -4.63 -1.10 17.95
N ASP A 156 -3.38 -1.43 18.28
CA ASP A 156 -2.56 -0.54 19.10
C ASP A 156 -2.60 0.87 18.53
N GLU A 157 -2.68 1.83 19.45
CA GLU A 157 -2.62 3.24 19.09
C GLU A 157 -1.40 3.53 18.21
N GLU A 158 -0.26 2.89 18.49
CA GLU A 158 0.98 3.19 17.79
C GLU A 158 1.20 2.24 16.62
N SER A 159 0.15 1.51 16.20
CA SER A 159 0.38 0.49 15.19
C SER A 159 1.03 1.09 13.95
N LYS A 160 1.94 0.30 13.38
CA LYS A 160 2.48 0.60 12.05
C LYS A 160 1.45 0.21 10.98
N ILE A 161 1.69 0.72 9.77
CA ILE A 161 0.95 0.34 8.58
C ILE A 161 1.80 -0.63 7.78
N MET A 162 1.12 -1.46 6.98
CA MET A 162 1.82 -2.50 6.25
C MET A 162 1.20 -2.62 4.87
N ILE A 163 2.04 -2.84 3.86
CA ILE A 163 1.55 -3.30 2.56
C ILE A 163 1.03 -4.73 2.74
N SER A 164 -0.24 -4.95 2.36
CA SER A 164 -0.90 -6.21 2.67
C SER A 164 -0.99 -7.11 1.43
N ASP A 165 -0.68 -6.56 0.27
CA ASP A 165 -1.08 -7.25 -0.95
C ASP A 165 -0.32 -6.69 -2.14
N PHE A 166 -0.11 -7.59 -3.11
CA PHE A 166 0.56 -7.32 -4.37
C PHE A 166 -0.35 -7.82 -5.49
N GLY A 167 -0.12 -7.33 -6.72
CA GLY A 167 -0.88 -7.81 -7.87
C GLY A 167 0.05 -8.37 -8.94
N GLY A 186 -6.38 7.30 -11.18
CA GLY A 186 -5.96 8.28 -10.17
C GLY A 186 -4.52 8.04 -9.70
N TYR A 187 -4.25 6.82 -9.25
CA TYR A 187 -2.97 6.50 -8.62
C TYR A 187 -1.90 6.19 -9.67
N VAL A 188 -2.26 6.22 -10.95
CA VAL A 188 -1.36 5.76 -11.99
C VAL A 188 -0.61 6.94 -12.60
N ALA A 189 0.70 6.76 -12.78
CA ALA A 189 1.62 7.80 -13.19
C ALA A 189 1.34 8.24 -14.62
N PRO A 190 1.43 9.55 -14.94
CA PRO A 190 1.15 10.06 -16.28
C PRO A 190 1.84 9.31 -17.42
N GLU A 191 3.07 8.85 -17.19
CA GLU A 191 3.82 8.13 -18.20
C GLU A 191 3.10 6.83 -18.57
N VAL A 192 2.55 6.12 -17.56
CA VAL A 192 1.74 4.94 -17.79
C VAL A 192 0.50 5.32 -18.61
N LEU A 193 -0.22 6.37 -18.20
CA LEU A 193 -1.37 6.85 -18.93
C LEU A 193 -0.92 7.68 -20.14
N TYR A 198 8.06 3.11 -18.61
CA TYR A 198 7.87 3.44 -17.18
C TYR A 198 8.78 2.54 -16.33
N SER A 199 8.95 2.93 -15.06
CA SER A 199 9.96 2.35 -14.18
C SER A 199 9.43 2.34 -12.74
N LYS A 200 10.31 2.04 -11.78
CA LYS A 200 9.99 2.02 -10.37
C LYS A 200 9.37 3.36 -9.93
N ALA A 201 9.63 4.44 -10.67
CA ALA A 201 9.18 5.79 -10.33
C ALA A 201 7.65 5.90 -10.28
N VAL A 202 6.94 5.03 -10.99
CA VAL A 202 5.49 5.06 -10.98
C VAL A 202 4.99 4.87 -9.55
N ASP A 203 5.71 4.11 -8.72
CA ASP A 203 5.29 3.84 -7.35
C ASP A 203 5.37 5.13 -6.55
N CYS A 204 6.40 5.93 -6.84
CA CYS A 204 6.65 7.15 -6.09
C CYS A 204 5.52 8.15 -6.36
N TRP A 205 5.03 8.22 -7.62
CA TRP A 205 3.84 8.97 -7.95
C TRP A 205 2.66 8.54 -7.09
N SER A 206 2.39 7.22 -7.04
CA SER A 206 1.30 6.68 -6.24
C SER A 206 1.37 7.11 -4.79
N ILE A 207 2.58 7.13 -4.23
CA ILE A 207 2.76 7.49 -2.84
C ILE A 207 2.41 8.98 -2.68
N GLY A 208 2.78 9.78 -3.67
CA GLY A 208 2.43 11.20 -3.64
C GLY A 208 0.91 11.40 -3.61
N VAL A 209 0.17 10.59 -4.39
CA VAL A 209 -1.27 10.70 -4.42
C VAL A 209 -1.82 10.31 -3.05
N ILE A 210 -1.29 9.22 -2.48
CA ILE A 210 -1.73 8.77 -1.16
C ILE A 210 -1.50 9.89 -0.13
N ALA A 211 -0.32 10.51 -0.18
CA ALA A 211 -0.03 11.60 0.75
C ALA A 211 -1.05 12.74 0.62
N TYR A 212 -1.41 13.05 -0.63
CA TYR A 212 -2.38 14.08 -0.93
C TYR A 212 -3.69 13.75 -0.22
N ILE A 213 -4.21 12.52 -0.43
CA ILE A 213 -5.44 12.09 0.21
C ILE A 213 -5.34 12.12 1.72
N LEU A 214 -4.20 11.74 2.28
CA LEU A 214 -4.00 11.72 3.72
C LEU A 214 -4.11 13.13 4.33
N LEU A 215 -3.83 14.17 3.56
CA LEU A 215 -3.79 15.52 4.12
C LEU A 215 -5.09 16.28 3.87
N CYS A 216 -5.99 15.81 2.98
CA CYS A 216 -7.19 16.59 2.72
C CYS A 216 -8.46 15.73 2.66
N GLY A 217 -8.29 14.41 2.43
CA GLY A 217 -9.43 13.49 2.49
C GLY A 217 -10.13 13.26 1.16
N TYR A 218 -9.56 13.77 0.05
CA TYR A 218 -10.15 13.59 -1.27
C TYR A 218 -9.05 13.46 -2.32
N PRO A 219 -9.33 12.84 -3.50
CA PRO A 219 -8.30 12.57 -4.49
C PRO A 219 -7.91 13.81 -5.27
N PRO A 220 -6.64 13.92 -5.71
CA PRO A 220 -6.18 15.12 -6.39
C PRO A 220 -6.78 15.29 -7.80
N PHE A 221 -7.21 14.18 -8.40
CA PHE A 221 -7.88 14.24 -9.68
C PHE A 221 -9.31 13.73 -9.49
N TYR A 222 -10.30 14.62 -9.56
CA TYR A 222 -11.71 14.25 -9.64
C TYR A 222 -12.51 15.18 -8.73
N ASP A 226 -14.26 13.10 -16.94
CA ASP A 226 -13.83 11.69 -17.15
C ASP A 226 -12.74 11.63 -18.22
N SER A 227 -12.95 12.38 -19.31
CA SER A 227 -11.89 12.67 -20.27
C SER A 227 -11.05 13.86 -19.78
N LYS A 228 -11.70 14.78 -19.06
CA LYS A 228 -11.01 15.92 -18.46
C LYS A 228 -10.17 15.46 -17.27
N LEU A 229 -10.54 14.32 -16.67
CA LEU A 229 -9.80 13.73 -15.56
C LEU A 229 -8.52 13.10 -16.11
N PHE A 230 -8.70 12.24 -17.13
CA PHE A 230 -7.62 11.65 -17.91
C PHE A 230 -6.65 12.73 -18.38
N GLU A 231 -7.18 13.89 -18.79
CA GLU A 231 -6.38 15.01 -19.27
C GLU A 231 -5.57 15.61 -18.11
N GLN A 232 -6.24 15.83 -16.97
CA GLN A 232 -5.60 16.40 -15.79
C GLN A 232 -4.40 15.55 -15.38
N ILE A 233 -4.58 14.22 -15.29
CA ILE A 233 -3.54 13.32 -14.83
C ILE A 233 -2.33 13.37 -15.76
N LEU A 234 -2.57 13.35 -17.07
CA LEU A 234 -1.50 13.30 -18.06
C LEU A 234 -0.73 14.63 -18.08
N LYS A 235 -1.33 15.74 -17.61
CA LYS A 235 -0.60 17.00 -17.43
C LYS A 235 -0.22 17.26 -15.96
N ALA A 236 -0.39 16.29 -15.07
CA ALA A 236 -0.14 16.50 -13.65
C ALA A 236 -0.73 17.84 -13.18
N GLU A 237 -1.97 18.11 -13.61
CA GLU A 237 -2.71 19.30 -13.23
C GLU A 237 -3.56 19.03 -11.99
N TYR A 238 -3.11 19.54 -10.84
CA TYR A 238 -3.85 19.42 -9.58
C TYR A 238 -3.58 20.68 -8.76
N GLU A 239 -4.33 20.86 -7.68
CA GLU A 239 -4.20 22.05 -6.85
C GLU A 239 -4.29 21.67 -5.38
N PHE A 240 -3.78 22.57 -4.52
CA PHE A 240 -3.98 22.53 -3.09
C PHE A 240 -5.05 23.58 -2.76
N ASP A 241 -6.30 23.22 -3.06
CA ASP A 241 -7.42 24.15 -3.02
C ASP A 241 -7.80 24.51 -1.59
N SER A 242 -8.25 25.76 -1.41
CA SER A 242 -8.87 26.22 -0.18
C SER A 242 -10.33 25.75 -0.09
N PRO A 243 -10.90 25.57 1.13
CA PRO A 243 -10.18 25.82 2.39
C PRO A 243 -9.34 24.65 2.92
N TYR A 244 -9.47 23.50 2.27
CA TYR A 244 -8.95 22.23 2.76
C TYR A 244 -7.43 22.26 2.98
N TRP A 245 -6.69 23.00 2.14
CA TRP A 245 -5.24 23.02 2.21
C TRP A 245 -4.69 24.20 2.99
N ASP A 246 -5.57 25.08 3.49
CA ASP A 246 -5.08 26.31 4.10
C ASP A 246 -4.24 26.07 5.35
N ASP A 247 -4.60 25.03 6.14
CA ASP A 247 -3.92 24.74 7.39
C ASP A 247 -2.73 23.76 7.21
N ILE A 248 -2.44 23.37 5.98
CA ILE A 248 -1.36 22.44 5.66
C ILE A 248 -0.06 23.21 5.39
N SER A 249 1.05 22.65 5.86
CA SER A 249 2.37 23.30 5.73
C SER A 249 2.80 23.43 4.27
N ASP A 250 3.64 24.44 4.00
CA ASP A 250 4.36 24.53 2.74
C ASP A 250 5.23 23.30 2.52
N SER A 251 5.84 22.78 3.59
CA SER A 251 6.74 21.64 3.53
C SER A 251 5.98 20.43 3.02
N ALA A 252 4.76 20.20 3.52
CA ALA A 252 3.93 19.08 3.05
C ALA A 252 3.59 19.24 1.56
N LYS A 253 3.21 20.46 1.16
CA LYS A 253 2.87 20.73 -0.25
C LYS A 253 4.08 20.52 -1.16
N ASP A 254 5.27 20.99 -0.71
CA ASP A 254 6.49 20.78 -1.48
C ASP A 254 6.77 19.28 -1.63
N PHE A 255 6.60 18.55 -0.55
CA PHE A 255 6.84 17.11 -0.54
C PHE A 255 5.98 16.46 -1.62
N ILE A 256 4.70 16.78 -1.61
CA ILE A 256 3.75 16.20 -2.56
C ILE A 256 4.09 16.60 -4.00
N ARG A 257 4.43 17.88 -4.25
CA ARG A 257 4.83 18.31 -5.57
C ARG A 257 5.98 17.48 -6.13
N ASN A 258 6.91 17.09 -5.25
CA ASN A 258 8.15 16.46 -5.67
C ASN A 258 7.87 15.01 -6.07
N LEU A 259 6.81 14.42 -5.51
CA LEU A 259 6.41 13.05 -5.86
C LEU A 259 5.41 13.06 -7.00
N MET A 260 4.45 14.00 -6.96
CA MET A 260 3.47 14.14 -8.02
C MET A 260 4.06 15.08 -9.07
N GLU A 261 5.17 14.62 -9.66
CA GLU A 261 5.96 15.35 -10.64
C GLU A 261 5.80 14.58 -11.94
N LYS A 262 5.34 15.28 -12.97
CA LYS A 262 5.06 14.67 -14.26
C LYS A 262 6.31 14.03 -14.82
N ASP A 263 7.45 14.74 -14.72
CA ASP A 263 8.71 14.22 -15.26
C ASP A 263 9.21 13.09 -14.35
N PRO A 264 9.18 11.81 -14.77
CA PRO A 264 9.62 10.71 -13.89
C PRO A 264 11.11 10.78 -13.54
N ASN A 265 11.88 11.56 -14.30
CA ASN A 265 13.31 11.76 -14.08
C ASN A 265 13.51 12.70 -12.88
N LYS A 266 12.73 13.78 -12.84
CA LYS A 266 12.87 14.83 -11.83
C LYS A 266 12.17 14.40 -10.54
N ARG A 267 11.15 13.54 -10.70
CA ARG A 267 10.38 12.98 -9.60
C ARG A 267 11.30 12.43 -8.50
N TYR A 268 10.95 12.72 -7.24
CA TYR A 268 11.66 12.14 -6.14
C TYR A 268 11.58 10.61 -6.18
N THR A 269 12.71 10.00 -5.90
CA THR A 269 12.74 8.59 -5.54
C THR A 269 12.24 8.41 -4.12
N CYS A 270 12.01 7.15 -3.73
CA CYS A 270 11.68 6.84 -2.35
C CYS A 270 12.80 7.31 -1.41
N GLU A 271 14.06 7.09 -1.83
CA GLU A 271 15.21 7.49 -1.04
C GLU A 271 15.22 9.01 -0.83
N GLN A 272 14.98 9.78 -1.92
CA GLN A 272 14.89 11.23 -1.83
C GLN A 272 13.74 11.68 -0.94
N ALA A 273 12.54 11.08 -1.12
CA ALA A 273 11.37 11.44 -0.36
C ALA A 273 11.61 11.22 1.14
N ALA A 274 12.32 10.15 1.47
CA ALA A 274 12.58 9.80 2.86
C ALA A 274 13.54 10.77 3.52
N ARG A 275 14.34 11.52 2.74
CA ARG A 275 15.25 12.52 3.30
C ARG A 275 14.60 13.90 3.42
N HIS A 276 13.44 14.10 2.80
CA HIS A 276 12.76 15.37 2.79
C HIS A 276 12.39 15.77 4.21
N PRO A 277 12.51 17.07 4.61
CA PRO A 277 12.18 17.48 5.98
C PRO A 277 10.81 17.05 6.51
N TRP A 278 9.83 16.90 5.63
CA TRP A 278 8.48 16.57 6.05
C TRP A 278 8.46 15.15 6.62
N ILE A 279 9.36 14.30 6.11
CA ILE A 279 9.48 12.91 6.53
C ILE A 279 10.58 12.78 7.59
N ALA A 280 11.77 13.35 7.33
CA ALA A 280 12.96 13.06 8.12
C ALA A 280 13.20 14.09 9.22
N GLY A 281 12.62 15.27 9.02
CA GLY A 281 12.85 16.42 9.87
C GLY A 281 11.62 16.74 10.69
N ASP A 282 11.42 18.02 10.99
CA ASP A 282 10.38 18.35 11.95
C ASP A 282 9.43 19.40 11.38
N THR A 283 9.23 19.43 10.04
CA THR A 283 8.36 20.42 9.41
C THR A 283 6.90 20.00 9.39
N ALA A 284 6.60 18.72 9.64
CA ALA A 284 5.20 18.30 9.70
C ALA A 284 4.53 18.96 10.90
N LEU A 285 3.36 19.55 10.67
CA LEU A 285 2.65 20.29 11.71
C LEU A 285 1.92 19.36 12.68
N ASN A 286 1.48 19.95 13.80
CA ASN A 286 0.87 19.22 14.92
C ASN A 286 -0.58 19.68 15.11
N LYS A 287 -1.18 20.25 14.08
CA LYS A 287 -2.54 20.79 14.14
C LYS A 287 -3.53 19.65 13.90
N ASN A 288 -4.64 19.62 14.66
CA ASN A 288 -5.66 18.62 14.44
C ASN A 288 -6.46 18.97 13.18
N ILE A 289 -6.29 18.16 12.13
CA ILE A 289 -6.97 18.38 10.86
C ILE A 289 -8.01 17.27 10.65
N HIS A 290 -8.36 16.56 11.72
CA HIS A 290 -9.25 15.40 11.62
C HIS A 290 -10.64 15.80 11.10
N GLU A 291 -11.21 16.90 11.61
CA GLU A 291 -12.59 17.21 11.30
C GLU A 291 -12.78 17.26 9.78
N SER A 292 -11.93 18.04 9.11
CA SER A 292 -12.04 18.26 7.67
C SER A 292 -11.66 17.01 6.90
N VAL A 293 -10.55 16.38 7.28
CA VAL A 293 -10.07 15.24 6.52
C VAL A 293 -11.10 14.12 6.58
N SER A 294 -11.65 13.86 7.77
CA SER A 294 -12.61 12.79 7.93
C SER A 294 -13.91 13.10 7.17
N ALA A 295 -14.35 14.36 7.24
CA ALA A 295 -15.54 14.81 6.50
C ALA A 295 -15.39 14.47 5.01
N GLN A 296 -14.21 14.80 4.45
CA GLN A 296 -13.95 14.63 3.05
C GLN A 296 -13.82 13.14 2.69
N ILE A 297 -13.13 12.35 3.53
CA ILE A 297 -13.06 10.93 3.29
C ILE A 297 -14.49 10.36 3.23
N ARG A 298 -15.31 10.68 4.22
CA ARG A 298 -16.66 10.13 4.30
C ARG A 298 -17.43 10.48 3.03
N LYS A 299 -17.35 11.77 2.65
CA LYS A 299 -18.11 12.33 1.54
C LYS A 299 -17.56 11.85 0.21
N ASN A 300 -16.26 11.54 0.16
CA ASN A 300 -15.59 11.40 -1.12
C ASN A 300 -15.39 9.94 -1.50
N PHE A 301 -15.50 9.03 -0.51
CA PHE A 301 -15.22 7.62 -0.71
C PHE A 301 -16.45 6.80 -0.31
#